data_3E4F
#
_entry.id   3E4F
#
_cell.length_a   36.313
_cell.length_b   108.046
_cell.length_c   132.809
_cell.angle_alpha   90.00
_cell.angle_beta   90.00
_cell.angle_gamma   90.00
#
_symmetry.space_group_name_H-M   'P 21 21 21'
#
loop_
_entity.id
_entity.type
_entity.pdbx_description
1 polymer 'Aminoglycoside N3-acetyltransferase'
2 non-polymer 'CITRIC ACID'
3 water water
#
_entity_poly.entity_id   1
_entity_poly.type   'polypeptide(L)'
_entity_poly.pdbx_seq_one_letter_code
;(MSE)NDIVASTQLPNTIKTITNDLRKLGLKKG(MSE)TVIVHSSLSSIGWISGGAVAVVEAL(MSE)EVITEEGTII
(MSE)PTQSSDLSDPKHWSRPPVPEEWWQIIRDNVPAFEPHITPTRA(MSE)GKVVECFRTYPNVVRSNHPLGSFAAWGR
HAEEITVNQSLS(MSE)SLGEESPLRKIYDLDGYILLIGVGYDSNTSVHLSEVRSGACELIKVGAPIIENGERVWKEFVD
(MSE)DYDSDKFVEIGVEFEQKGTVT(MSE)GKIGNAKCRL(MSE)KQRDIVDFGTEWFRKKN
;
_entity_poly.pdbx_strand_id   A,B
#
loop_
_chem_comp.id
_chem_comp.type
_chem_comp.name
_chem_comp.formula
CIT non-polymer 'CITRIC ACID' 'C6 H8 O7'
#
# COMPACT_ATOMS: atom_id res chain seq x y z
N ASP A 3 12.62 -17.82 -5.11
CA ASP A 3 11.45 -18.49 -4.44
C ASP A 3 10.14 -18.35 -5.17
N ILE A 4 9.64 -17.12 -5.18
CA ILE A 4 8.60 -16.81 -6.14
C ILE A 4 9.32 -16.91 -7.47
N VAL A 5 10.57 -16.55 -7.37
CA VAL A 5 11.48 -16.57 -8.51
C VAL A 5 11.68 -17.99 -8.97
N ALA A 6 11.98 -18.84 -8.01
CA ALA A 6 12.38 -20.22 -8.26
C ALA A 6 11.28 -21.01 -8.94
N SER A 7 10.07 -20.62 -8.63
CA SER A 7 8.88 -21.41 -8.97
C SER A 7 8.23 -20.87 -10.23
N THR A 8 8.94 -19.90 -10.80
CA THR A 8 8.58 -19.25 -12.08
C THR A 8 9.61 -19.50 -13.15
N GLN A 9 9.12 -19.94 -14.30
CA GLN A 9 9.92 -20.26 -15.51
C GLN A 9 10.47 -19.04 -16.27
N LEU A 10 9.54 -18.25 -16.76
CA LEU A 10 9.82 -16.92 -17.34
C LEU A 10 8.90 -15.85 -16.71
N PRO A 11 9.29 -14.57 -16.77
CA PRO A 11 8.45 -13.61 -16.07
C PRO A 11 7.03 -13.44 -16.63
N ASN A 12 6.11 -13.22 -15.71
CA ASN A 12 4.77 -12.72 -16.04
C ASN A 12 4.91 -11.23 -16.30
N THR A 13 4.25 -10.77 -17.36
CA THR A 13 4.23 -9.34 -17.72
C THR A 13 2.80 -8.86 -17.95
N ILE A 14 2.68 -7.55 -18.16
CA ILE A 14 1.40 -6.97 -18.50
C ILE A 14 0.84 -7.73 -19.67
N LYS A 15 1.69 -7.96 -20.64
CA LYS A 15 1.34 -8.68 -21.88
C LYS A 15 0.86 -10.11 -21.62
N THR A 16 1.64 -10.85 -20.83
CA THR A 16 1.28 -12.24 -20.62
C THR A 16 -0.01 -12.34 -19.78
N ILE A 17 -0.13 -11.46 -18.80
CA ILE A 17 -1.29 -11.43 -17.92
C ILE A 17 -2.53 -11.11 -18.74
N THR A 18 -2.41 -10.12 -19.61
CA THR A 18 -3.50 -9.72 -20.47
C THR A 18 -3.98 -10.91 -21.28
N ASN A 19 -3.02 -11.67 -21.76
N ASN A 19 -3.01 -11.67 -21.75
CA ASN A 19 -3.31 -12.81 -22.63
CA ASN A 19 -3.27 -12.80 -22.63
C ASN A 19 -4.05 -13.88 -21.86
C ASN A 19 -4.02 -13.88 -21.87
N ASP A 20 -3.56 -14.08 -20.64
CA ASP A 20 -4.15 -15.11 -19.71
C ASP A 20 -5.58 -14.76 -19.31
N LEU A 21 -5.77 -13.47 -19.10
CA LEU A 21 -7.08 -12.95 -18.79
C LEU A 21 -8.06 -13.15 -19.90
N ARG A 22 -7.61 -12.84 -21.10
CA ARG A 22 -8.45 -12.97 -22.28
C ARG A 22 -8.80 -14.44 -22.48
N LYS A 23 -7.80 -15.29 -22.29
CA LYS A 23 -8.02 -16.74 -22.44
C LYS A 23 -9.14 -17.21 -21.52
N LEU A 24 -9.13 -16.72 -20.31
CA LEU A 24 -10.07 -17.10 -19.28
C LEU A 24 -11.47 -16.66 -19.65
N GLY A 25 -11.55 -15.55 -20.36
CA GLY A 25 -12.83 -15.06 -20.84
C GLY A 25 -13.14 -13.63 -20.46
N LEU A 26 -12.20 -12.94 -19.85
CA LEU A 26 -12.41 -11.52 -19.55
C LEU A 26 -12.41 -10.75 -20.87
N LYS A 27 -13.23 -9.72 -20.96
CA LYS A 27 -13.33 -9.01 -22.20
C LYS A 27 -13.77 -7.55 -22.05
N LYS A 28 -13.59 -6.85 -23.12
CA LYS A 28 -13.90 -5.38 -23.15
C LYS A 28 -15.33 -5.20 -22.74
N GLY A 29 -15.53 -4.37 -21.72
CA GLY A 29 -16.86 -3.82 -21.40
C GLY A 29 -17.57 -4.61 -20.32
N MSE A 30 -16.92 -5.70 -19.91
CA MSE A 30 -17.45 -6.53 -18.84
C MSE A 30 -17.39 -5.80 -17.50
O MSE A 30 -16.54 -4.93 -17.26
CB MSE A 30 -16.57 -7.82 -18.73
CG MSE A 30 -16.91 -8.68 -17.64
SE MSE A 30 -15.70 -10.30 -17.76
CE MSE A 30 -16.55 -11.12 -19.21
N THR A 31 -18.33 -6.14 -16.65
CA THR A 31 -18.36 -5.69 -15.26
C THR A 31 -17.81 -6.83 -14.45
N VAL A 32 -16.70 -6.59 -13.75
CA VAL A 32 -16.01 -7.65 -12.99
C VAL A 32 -15.48 -7.17 -11.62
N ILE A 33 -15.80 -7.96 -10.60
CA ILE A 33 -15.21 -7.88 -9.26
C ILE A 33 -14.10 -8.91 -9.15
N VAL A 34 -12.95 -8.39 -8.71
CA VAL A 34 -11.71 -9.18 -8.70
C VAL A 34 -11.15 -9.38 -7.34
N HIS A 35 -10.78 -10.64 -7.07
CA HIS A 35 -10.14 -11.02 -5.80
C HIS A 35 -8.85 -11.77 -6.13
N SER A 36 -7.78 -11.40 -5.45
CA SER A 36 -6.42 -11.81 -5.87
C SER A 36 -5.45 -12.03 -4.73
N SER A 37 -4.59 -12.98 -4.98
CA SER A 37 -3.32 -13.18 -4.30
C SER A 37 -2.17 -12.87 -5.28
N LEU A 38 -1.41 -11.82 -4.99
CA LEU A 38 -0.33 -11.42 -5.89
C LEU A 38 0.68 -12.59 -6.08
N SER A 39 1.07 -13.13 -4.98
CA SER A 39 2.14 -14.13 -4.96
C SER A 39 1.78 -15.37 -5.74
N SER A 40 0.50 -15.68 -5.82
CA SER A 40 0.07 -16.96 -6.44
C SER A 40 0.42 -17.01 -7.91
N ILE A 41 0.55 -15.84 -8.51
CA ILE A 41 0.78 -15.73 -9.94
C ILE A 41 2.18 -16.18 -10.34
N GLY A 42 3.09 -16.00 -9.40
CA GLY A 42 4.53 -16.13 -9.67
C GLY A 42 5.20 -14.79 -9.84
N TRP A 43 6.42 -14.82 -10.36
CA TRP A 43 7.20 -13.56 -10.55
C TRP A 43 6.64 -12.71 -11.69
N ILE A 44 6.36 -11.48 -11.34
CA ILE A 44 5.74 -10.50 -12.26
C ILE A 44 6.62 -9.28 -12.44
N SER A 45 6.90 -8.95 -13.68
CA SER A 45 7.67 -7.73 -13.96
C SER A 45 6.71 -6.53 -13.77
N GLY A 46 6.90 -5.83 -12.67
CA GLY A 46 5.99 -4.71 -12.34
C GLY A 46 5.05 -5.00 -11.19
N GLY A 47 5.09 -6.24 -10.71
CA GLY A 47 4.22 -6.64 -9.57
C GLY A 47 2.75 -6.24 -9.67
N ALA A 48 2.29 -5.57 -8.63
CA ALA A 48 0.87 -5.26 -8.52
C ALA A 48 0.41 -4.36 -9.65
N VAL A 49 1.32 -3.49 -10.08
CA VAL A 49 1.01 -2.55 -11.16
C VAL A 49 0.69 -3.28 -12.45
N ALA A 50 1.46 -4.30 -12.75
CA ALA A 50 1.25 -5.11 -13.95
C ALA A 50 -0.12 -5.72 -13.96
N VAL A 51 -0.53 -6.26 -12.81
CA VAL A 51 -1.85 -6.90 -12.69
C VAL A 51 -2.99 -5.89 -12.97
N VAL A 52 -2.85 -4.74 -12.33
CA VAL A 52 -3.86 -3.66 -12.48
C VAL A 52 -3.93 -3.20 -13.93
N GLU A 53 -2.78 -2.94 -14.50
CA GLU A 53 -2.69 -2.47 -15.89
C GLU A 53 -3.28 -3.48 -16.85
N ALA A 54 -2.98 -4.76 -16.61
CA ALA A 54 -3.51 -5.82 -17.44
C ALA A 54 -5.02 -5.86 -17.41
N LEU A 55 -5.56 -5.74 -16.20
CA LEU A 55 -6.98 -5.80 -16.00
C LEU A 55 -7.62 -4.65 -16.76
N MSE A 56 -7.03 -3.48 -16.62
CA MSE A 56 -7.58 -2.27 -17.27
C MSE A 56 -7.50 -2.37 -18.77
O MSE A 56 -8.35 -1.89 -19.50
CB MSE A 56 -6.88 -1.02 -16.80
CG MSE A 56 -7.24 -0.65 -15.40
SE MSE A 56 -6.14 0.79 -14.67
CE MSE A 56 -7.05 0.91 -12.89
N GLU A 57 -6.47 -3.04 -19.23
CA GLU A 57 -6.21 -3.14 -20.69
C GLU A 57 -7.30 -3.99 -21.33
N VAL A 58 -7.68 -5.02 -20.60
CA VAL A 58 -8.70 -5.96 -21.08
C VAL A 58 -10.11 -5.42 -20.94
N ILE A 59 -10.43 -4.92 -19.77
CA ILE A 59 -11.80 -4.50 -19.44
C ILE A 59 -12.13 -3.14 -20.13
N THR A 60 -11.14 -2.30 -20.01
CA THR A 60 -11.19 -0.87 -20.49
C THR A 60 -12.14 -0.04 -19.72
N GLU A 61 -12.12 1.27 -20.02
CA GLU A 61 -13.00 2.25 -19.37
C GLU A 61 -14.45 2.05 -19.70
N GLU A 62 -14.69 1.31 -20.76
CA GLU A 62 -16.07 1.01 -21.15
C GLU A 62 -16.64 -0.13 -20.35
N GLY A 63 -15.76 -0.83 -19.66
CA GLY A 63 -16.16 -1.81 -18.66
C GLY A 63 -15.91 -1.25 -17.26
N THR A 64 -16.09 -2.09 -16.27
CA THR A 64 -15.88 -1.70 -14.86
C THR A 64 -15.15 -2.81 -14.07
N ILE A 65 -14.14 -2.42 -13.33
CA ILE A 65 -13.42 -3.30 -12.40
C ILE A 65 -13.77 -2.83 -10.99
N ILE A 66 -14.16 -3.77 -10.17
CA ILE A 66 -14.43 -3.53 -8.79
C ILE A 66 -13.51 -4.41 -7.93
N MSE A 67 -13.07 -3.88 -6.81
CA MSE A 67 -12.39 -4.74 -5.78
C MSE A 67 -12.84 -4.35 -4.37
O MSE A 67 -13.09 -3.15 -4.10
CB MSE A 67 -10.87 -4.69 -5.87
CG MSE A 67 -10.29 -4.92 -7.24
SE MSE A 67 -8.35 -4.92 -7.24
CE MSE A 67 -8.01 -4.87 -9.16
N PRO A 68 -13.00 -5.33 -3.47
CA PRO A 68 -13.29 -4.98 -2.10
C PRO A 68 -12.10 -4.29 -1.45
N THR A 69 -12.39 -3.32 -0.59
CA THR A 69 -11.39 -2.49 0.09
C THR A 69 -11.69 -2.38 1.57
N GLN A 70 -11.89 -3.54 2.14
N GLN A 70 -11.97 -3.53 2.13
CA GLN A 70 -12.30 -3.69 3.55
CA GLN A 70 -12.40 -3.67 3.53
C GLN A 70 -11.22 -3.22 4.49
C GLN A 70 -11.26 -3.25 4.48
N SER A 71 -11.66 -2.60 5.57
CA SER A 71 -10.76 -2.00 6.58
C SER A 71 -11.26 -2.31 7.97
N SER A 72 -11.23 -3.60 8.23
CA SER A 72 -11.89 -4.20 9.40
C SER A 72 -11.22 -3.72 10.66
N ASP A 73 -10.08 -3.10 10.46
N ASP A 73 -10.07 -3.12 10.48
CA ASP A 73 -9.26 -2.64 11.59
CA ASP A 73 -9.27 -2.67 11.63
C ASP A 73 -9.93 -1.48 12.31
C ASP A 73 -9.91 -1.46 12.30
N LEU A 74 -10.96 -0.97 11.67
CA LEU A 74 -11.69 0.19 12.18
C LEU A 74 -12.86 -0.26 13.06
N SER A 75 -12.98 -1.56 13.24
CA SER A 75 -14.16 -2.14 13.94
C SER A 75 -14.05 -2.09 15.46
N ASP A 76 -15.17 -2.37 16.09
CA ASP A 76 -15.31 -2.31 17.54
C ASP A 76 -14.57 -3.49 18.14
N PRO A 77 -13.56 -3.20 18.94
CA PRO A 77 -12.61 -4.18 19.39
C PRO A 77 -13.34 -5.15 20.29
N LYS A 78 -14.60 -4.86 20.55
CA LYS A 78 -15.43 -5.76 21.38
C LYS A 78 -15.61 -7.11 20.68
N HIS A 79 -15.69 -7.03 19.36
CA HIS A 79 -15.92 -8.22 18.54
C HIS A 79 -14.62 -8.92 18.13
N TRP A 80 -13.51 -8.31 18.53
CA TRP A 80 -12.16 -8.78 18.13
C TRP A 80 -11.73 -10.06 18.82
N SER A 81 -11.23 -10.98 18.01
CA SER A 81 -10.79 -12.30 18.49
C SER A 81 -9.47 -12.79 17.93
N ARG A 82 -8.89 -11.98 17.06
CA ARG A 82 -7.70 -12.40 16.31
C ARG A 82 -6.56 -11.37 16.33
N PRO A 83 -6.01 -11.12 17.51
CA PRO A 83 -6.52 -11.66 18.74
C PRO A 83 -7.41 -10.67 19.46
N PRO A 84 -7.93 -11.06 20.63
CA PRO A 84 -8.63 -10.01 21.34
C PRO A 84 -7.63 -9.11 22.02
N VAL A 85 -8.14 -7.99 22.48
CA VAL A 85 -7.32 -6.98 23.19
C VAL A 85 -7.92 -6.72 24.57
N PRO A 86 -7.10 -6.29 25.54
CA PRO A 86 -7.66 -6.04 26.88
C PRO A 86 -8.85 -5.11 26.84
N GLU A 87 -9.83 -5.45 27.64
CA GLU A 87 -11.08 -4.68 27.67
C GLU A 87 -10.86 -3.20 27.91
N GLU A 88 -9.84 -2.89 28.69
CA GLU A 88 -9.60 -1.48 29.03
C GLU A 88 -9.30 -0.69 27.76
N TRP A 89 -8.75 -1.41 26.79
CA TRP A 89 -8.33 -0.83 25.52
C TRP A 89 -9.53 -0.37 24.69
N TRP A 90 -10.62 -1.09 24.88
CA TRP A 90 -11.74 -1.03 23.91
C TRP A 90 -12.21 0.41 23.76
N GLN A 91 -12.34 1.10 24.88
CA GLN A 91 -12.91 2.44 24.86
C GLN A 91 -11.88 3.43 24.36
N ILE A 92 -10.62 3.08 24.59
CA ILE A 92 -9.49 3.92 24.17
C ILE A 92 -9.47 3.91 22.66
N ILE A 93 -9.71 2.74 22.14
CA ILE A 93 -9.80 2.53 20.69
C ILE A 93 -10.96 3.34 20.09
N ARG A 94 -12.14 3.18 20.68
CA ARG A 94 -13.35 3.82 20.18
C ARG A 94 -13.16 5.32 20.17
N ASP A 95 -12.35 5.76 21.13
CA ASP A 95 -12.16 7.20 21.36
C ASP A 95 -11.07 7.75 20.47
N ASN A 96 -10.20 6.88 19.99
CA ASN A 96 -8.95 7.32 19.31
C ASN A 96 -8.64 6.83 17.89
N VAL A 97 -9.23 5.72 17.48
CA VAL A 97 -8.95 5.16 16.13
C VAL A 97 -9.38 6.17 15.09
N PRO A 98 -8.51 6.46 14.12
CA PRO A 98 -8.88 7.52 13.18
C PRO A 98 -9.99 7.10 12.25
N ALA A 99 -10.78 8.10 11.92
CA ALA A 99 -11.95 7.96 11.06
C ALA A 99 -11.59 7.46 9.67
N PHE A 100 -12.50 6.68 9.13
CA PHE A 100 -12.41 6.28 7.73
C PHE A 100 -12.44 7.50 6.84
N GLU A 101 -11.48 7.48 5.95
CA GLU A 101 -11.38 8.44 4.86
C GLU A 101 -11.01 7.68 3.56
N PRO A 102 -11.85 7.79 2.52
CA PRO A 102 -11.71 6.81 1.46
C PRO A 102 -10.36 6.89 0.75
N HIS A 103 -9.76 8.07 0.78
CA HIS A 103 -8.50 8.29 0.07
C HIS A 103 -7.33 7.73 0.84
N ILE A 104 -7.53 7.67 2.14
CA ILE A 104 -6.41 7.45 3.07
C ILE A 104 -6.37 6.04 3.69
N THR A 105 -7.53 5.57 4.10
CA THR A 105 -7.60 4.44 5.00
C THR A 105 -7.10 3.15 4.34
N PRO A 106 -6.02 2.55 4.87
CA PRO A 106 -5.61 1.33 4.15
C PRO A 106 -6.53 0.16 4.31
N THR A 107 -6.42 -0.79 3.39
CA THR A 107 -7.19 -2.03 3.48
C THR A 107 -6.44 -3.00 4.35
N ARG A 108 -7.20 -3.97 4.83
CA ARG A 108 -6.57 -5.16 5.47
C ARG A 108 -7.16 -6.44 4.93
N ALA A 109 -6.21 -7.31 4.68
CA ALA A 109 -6.47 -8.66 4.21
C ALA A 109 -6.98 -8.67 2.79
N MSE A 110 -6.85 -7.54 2.09
CA MSE A 110 -7.28 -7.46 0.67
C MSE A 110 -6.18 -7.81 -0.36
O MSE A 110 -6.44 -8.33 -1.45
CB MSE A 110 -7.91 -6.09 0.37
CG MSE A 110 -9.14 -5.76 1.26
SE MSE A 110 -10.66 -6.95 0.91
CE MSE A 110 -10.53 -8.33 2.39
N GLY A 111 -4.96 -7.49 0.00
CA GLY A 111 -3.77 -7.69 -0.84
C GLY A 111 -3.21 -6.50 -1.58
N LYS A 112 -2.04 -6.73 -2.12
CA LYS A 112 -1.24 -5.68 -2.77
C LYS A 112 -1.89 -5.17 -4.06
N VAL A 113 -2.65 -6.03 -4.71
CA VAL A 113 -3.28 -5.62 -5.99
C VAL A 113 -4.34 -4.58 -5.66
N VAL A 114 -5.05 -4.85 -4.59
CA VAL A 114 -6.07 -3.93 -4.10
C VAL A 114 -5.44 -2.61 -3.64
N GLU A 115 -4.37 -2.71 -2.89
CA GLU A 115 -3.68 -1.49 -2.37
C GLU A 115 -3.22 -0.60 -3.50
N CYS A 116 -2.80 -1.22 -4.57
CA CYS A 116 -2.37 -0.51 -5.78
C CYS A 116 -3.57 0.10 -6.49
N PHE A 117 -4.56 -0.76 -6.71
CA PHE A 117 -5.77 -0.35 -7.47
C PHE A 117 -6.45 0.90 -6.86
N ARG A 118 -6.52 0.90 -5.55
CA ARG A 118 -7.41 1.88 -4.87
C ARG A 118 -6.83 3.27 -4.91
N THR A 119 -5.56 3.34 -5.27
CA THR A 119 -4.89 4.62 -5.33
C THR A 119 -4.67 5.11 -6.76
N TYR A 120 -5.13 4.35 -7.74
CA TYR A 120 -5.03 4.76 -9.14
C TYR A 120 -5.93 5.94 -9.37
N PRO A 121 -5.52 6.82 -10.28
CA PRO A 121 -6.43 7.88 -10.75
C PRO A 121 -7.72 7.33 -11.32
N ASN A 122 -8.77 8.04 -11.03
CA ASN A 122 -10.07 7.72 -11.57
C ASN A 122 -10.68 6.53 -10.87
N VAL A 123 -9.99 6.01 -9.88
CA VAL A 123 -10.59 4.94 -9.06
C VAL A 123 -11.40 5.63 -7.96
N VAL A 124 -12.62 5.18 -7.80
CA VAL A 124 -13.48 5.68 -6.72
C VAL A 124 -13.81 4.59 -5.68
N ARG A 125 -13.89 4.99 -4.44
CA ARG A 125 -14.18 4.11 -3.30
C ARG A 125 -15.46 4.47 -2.58
N SER A 126 -16.22 3.45 -2.25
CA SER A 126 -17.46 3.68 -1.50
C SER A 126 -17.14 4.16 -0.07
N ASN A 127 -18.20 4.63 0.52
CA ASN A 127 -18.18 5.28 1.83
C ASN A 127 -18.84 4.34 2.82
N HIS A 128 -18.04 3.34 3.17
CA HIS A 128 -18.29 2.53 4.34
C HIS A 128 -17.00 2.38 5.12
N PRO A 129 -17.04 2.59 6.44
CA PRO A 129 -15.81 2.60 7.20
C PRO A 129 -15.20 1.21 7.39
N LEU A 130 -16.00 0.18 7.16
CA LEU A 130 -15.52 -1.22 7.33
C LEU A 130 -15.55 -2.07 6.08
N GLY A 131 -16.60 -1.85 5.31
CA GLY A 131 -16.99 -2.69 4.16
C GLY A 131 -16.97 -2.06 2.78
N SER A 132 -16.00 -1.19 2.54
CA SER A 132 -15.96 -0.39 1.30
C SER A 132 -15.47 -1.24 0.15
N PHE A 133 -15.76 -0.70 -1.00
CA PHE A 133 -15.37 -1.23 -2.31
C PHE A 133 -14.77 -0.13 -3.14
N ALA A 134 -13.84 -0.50 -4.00
CA ALA A 134 -13.26 0.44 -4.99
C ALA A 134 -13.63 0.02 -6.40
N ALA A 135 -13.90 1.01 -7.23
CA ALA A 135 -14.18 0.73 -8.63
C ALA A 135 -13.63 1.71 -9.66
N TRP A 136 -13.49 1.14 -10.86
CA TRP A 136 -12.96 1.88 -12.02
C TRP A 136 -13.73 1.54 -13.27
N GLY A 137 -14.03 2.60 -14.00
CA GLY A 137 -14.63 2.54 -15.33
C GLY A 137 -16.08 2.96 -15.39
N ARG A 138 -16.74 2.45 -16.39
CA ARG A 138 -18.08 2.84 -16.77
C ARG A 138 -19.06 3.02 -15.64
N HIS A 139 -19.21 1.99 -14.83
CA HIS A 139 -20.24 1.99 -13.79
C HIS A 139 -19.68 2.21 -12.41
N ALA A 140 -18.49 2.80 -12.37
CA ALA A 140 -17.74 2.87 -11.09
C ALA A 140 -18.52 3.65 -10.07
N GLU A 141 -19.11 4.76 -10.54
CA GLU A 141 -19.83 5.63 -9.64
C GLU A 141 -21.10 4.98 -9.12
N GLU A 142 -21.85 4.47 -10.06
CA GLU A 142 -23.13 3.81 -9.79
C GLU A 142 -22.99 2.72 -8.76
N ILE A 143 -21.91 1.98 -8.93
CA ILE A 143 -21.63 0.80 -8.06
C ILE A 143 -21.28 1.24 -6.63
N THR A 144 -20.55 2.35 -6.51
CA THR A 144 -19.94 2.70 -5.24
C THR A 144 -20.72 3.66 -4.36
N VAL A 145 -21.61 4.43 -4.98
CA VAL A 145 -22.39 5.44 -4.22
C VAL A 145 -23.47 4.83 -3.36
N ASN A 146 -23.77 5.56 -2.31
CA ASN A 146 -24.93 5.30 -1.45
C ASN A 146 -24.93 3.90 -0.84
N GLN A 147 -23.76 3.44 -0.52
CA GLN A 147 -23.63 2.20 0.27
C GLN A 147 -24.17 2.43 1.67
N SER A 148 -25.08 1.56 2.05
CA SER A 148 -25.71 1.67 3.36
C SER A 148 -24.67 1.40 4.46
N LEU A 149 -24.78 2.17 5.52
CA LEU A 149 -23.97 1.91 6.71
C LEU A 149 -24.34 0.56 7.34
N SER A 150 -25.60 0.43 7.69
CA SER A 150 -26.13 -0.86 8.22
C SER A 150 -26.33 -1.79 7.07
N MSE A 151 -26.19 -3.09 7.34
CA MSE A 151 -26.43 -4.12 6.28
C MSE A 151 -25.58 -3.78 5.06
O MSE A 151 -26.05 -3.73 3.91
CB MSE A 151 -27.89 -4.19 5.83
CG MSE A 151 -28.86 -4.51 6.90
SE MSE A 151 -28.30 -6.07 7.98
CE MSE A 151 -28.14 -7.34 6.57
N SER A 152 -24.30 -3.67 5.36
CA SER A 152 -23.28 -3.08 4.45
C SER A 152 -23.06 -3.82 3.15
N LEU A 153 -23.31 -5.11 3.19
CA LEU A 153 -23.07 -6.00 2.06
C LEU A 153 -24.37 -6.50 1.48
N GLY A 154 -25.43 -5.77 1.77
CA GLY A 154 -26.75 -6.16 1.31
C GLY A 154 -27.30 -5.51 0.05
N GLU A 155 -28.58 -5.22 0.14
CA GLU A 155 -29.34 -4.78 -1.00
C GLU A 155 -28.95 -3.33 -1.44
N GLU A 156 -28.41 -2.58 -0.49
CA GLU A 156 -27.92 -1.23 -0.70
C GLU A 156 -26.39 -1.16 -0.65
N SER A 157 -25.79 -2.03 -1.45
CA SER A 157 -24.35 -2.13 -1.52
C SER A 157 -23.84 -2.38 -2.91
N PRO A 158 -22.53 -2.22 -3.11
CA PRO A 158 -21.92 -2.58 -4.37
C PRO A 158 -22.22 -3.96 -4.88
N LEU A 159 -22.46 -4.89 -3.98
CA LEU A 159 -22.71 -6.28 -4.41
C LEU A 159 -23.99 -6.36 -5.17
N ARG A 160 -24.95 -5.62 -4.68
N ARG A 160 -25.02 -5.68 -4.70
CA ARG A 160 -26.27 -5.59 -5.28
CA ARG A 160 -26.32 -5.69 -5.41
C ARG A 160 -26.24 -4.93 -6.66
C ARG A 160 -26.21 -4.97 -6.75
N LYS A 161 -25.39 -3.93 -6.74
CA LYS A 161 -25.22 -3.13 -7.94
C LYS A 161 -24.59 -3.98 -9.08
N ILE A 162 -23.63 -4.79 -8.68
CA ILE A 162 -22.97 -5.70 -9.60
C ILE A 162 -24.00 -6.73 -10.09
N TYR A 163 -24.77 -7.24 -9.14
CA TYR A 163 -25.86 -8.19 -9.43
C TYR A 163 -26.78 -7.62 -10.53
N ASP A 164 -27.15 -6.35 -10.35
CA ASP A 164 -28.10 -5.70 -11.23
C ASP A 164 -27.52 -5.58 -12.65
N LEU A 165 -26.22 -5.38 -12.71
CA LEU A 165 -25.45 -5.25 -13.97
C LEU A 165 -25.09 -6.60 -14.59
N ASP A 166 -25.45 -7.63 -13.87
CA ASP A 166 -25.19 -9.03 -14.31
C ASP A 166 -23.72 -9.19 -14.54
N GLY A 167 -22.95 -8.73 -13.58
CA GLY A 167 -21.49 -8.79 -13.61
C GLY A 167 -20.90 -10.18 -13.32
N TYR A 168 -19.60 -10.19 -13.43
CA TYR A 168 -18.70 -11.36 -13.17
C TYR A 168 -17.83 -11.20 -11.96
N ILE A 169 -17.34 -12.35 -11.51
CA ILE A 169 -16.37 -12.45 -10.46
C ILE A 169 -15.19 -13.21 -10.97
N LEU A 170 -14.01 -12.64 -10.78
CA LEU A 170 -12.70 -13.30 -11.05
C LEU A 170 -11.93 -13.56 -9.76
N LEU A 171 -11.59 -14.82 -9.56
CA LEU A 171 -10.71 -15.21 -8.44
C LEU A 171 -9.38 -15.55 -9.05
N ILE A 172 -8.36 -14.85 -8.58
CA ILE A 172 -6.97 -15.07 -9.00
C ILE A 172 -6.17 -15.68 -7.83
N GLY A 173 -6.05 -16.99 -7.84
CA GLY A 173 -5.21 -17.67 -6.86
C GLY A 173 -5.78 -17.64 -5.47
N VAL A 174 -7.06 -17.34 -5.38
CA VAL A 174 -7.77 -17.37 -4.10
C VAL A 174 -9.01 -18.24 -4.26
N GLY A 175 -9.57 -18.64 -3.14
CA GLY A 175 -10.85 -19.43 -3.10
C GLY A 175 -12.07 -18.70 -2.68
N TYR A 176 -13.13 -19.45 -2.45
CA TYR A 176 -14.46 -18.86 -2.26
C TYR A 176 -14.60 -18.12 -0.96
N ASP A 177 -13.70 -18.38 -0.04
CA ASP A 177 -13.69 -17.65 1.21
C ASP A 177 -13.38 -16.16 0.99
N SER A 178 -12.78 -15.89 -0.14
CA SER A 178 -12.45 -14.55 -0.59
C SER A 178 -13.49 -13.95 -1.51
N ASN A 179 -14.52 -14.71 -1.78
CA ASN A 179 -15.55 -14.35 -2.76
C ASN A 179 -16.63 -13.48 -2.11
N THR A 180 -16.35 -12.20 -2.06
CA THR A 180 -17.14 -11.21 -1.29
C THR A 180 -18.62 -11.23 -1.62
N SER A 181 -18.93 -11.52 -2.85
CA SER A 181 -20.32 -11.47 -3.32
C SER A 181 -21.21 -12.47 -2.61
N VAL A 182 -20.64 -13.55 -2.12
CA VAL A 182 -21.45 -14.56 -1.44
C VAL A 182 -22.02 -14.00 -0.14
N HIS A 183 -21.44 -12.92 0.34
CA HIS A 183 -22.05 -12.22 1.51
C HIS A 183 -23.48 -11.72 1.18
N LEU A 184 -23.74 -11.47 -0.09
CA LEU A 184 -25.09 -11.01 -0.49
C LEU A 184 -26.07 -12.18 -0.39
N SER A 185 -25.54 -13.38 -0.64
CA SER A 185 -26.30 -14.62 -0.37
C SER A 185 -26.67 -14.76 1.09
N GLU A 186 -25.73 -14.44 1.96
CA GLU A 186 -25.98 -14.46 3.41
C GLU A 186 -27.12 -13.51 3.75
N VAL A 187 -27.05 -12.33 3.17
CA VAL A 187 -28.08 -11.33 3.48
C VAL A 187 -29.42 -11.82 2.98
N ARG A 188 -29.44 -12.36 1.78
CA ARG A 188 -30.71 -12.73 1.13
C ARG A 188 -31.42 -13.93 1.75
N SER A 189 -30.63 -14.75 2.45
CA SER A 189 -31.13 -16.00 3.02
C SER A 189 -31.35 -15.89 4.51
N GLY A 190 -30.98 -14.74 5.02
CA GLY A 190 -30.99 -14.49 6.48
C GLY A 190 -30.08 -15.44 7.24
N ALA A 191 -28.91 -15.65 6.69
CA ALA A 191 -28.01 -16.75 7.11
C ALA A 191 -27.33 -16.49 8.44
N CYS A 192 -27.23 -15.23 8.78
CA CYS A 192 -26.44 -14.77 9.92
C CYS A 192 -27.25 -13.96 10.91
N GLU A 193 -26.78 -13.95 12.15
CA GLU A 193 -27.34 -13.06 13.20
C GLU A 193 -26.95 -11.62 12.89
N LEU A 194 -27.85 -10.73 13.27
CA LEU A 194 -27.64 -9.28 13.27
C LEU A 194 -27.01 -8.82 14.57
N ILE A 195 -25.99 -8.02 14.43
CA ILE A 195 -25.19 -7.58 15.56
C ILE A 195 -25.02 -6.09 15.53
N LYS A 196 -24.73 -5.61 16.72
CA LYS A 196 -24.46 -4.20 16.99
C LYS A 196 -22.98 -4.00 16.76
N VAL A 197 -22.70 -3.13 15.82
CA VAL A 197 -21.31 -2.83 15.44
C VAL A 197 -21.05 -1.33 15.55
N GLY A 198 -19.80 -0.99 15.34
CA GLY A 198 -19.38 0.43 15.39
C GLY A 198 -18.17 0.69 14.56
N ALA A 199 -18.04 1.93 14.14
CA ALA A 199 -16.86 2.37 13.38
C ALA A 199 -16.70 3.87 13.45
N PRO A 200 -15.50 4.37 13.15
CA PRO A 200 -15.21 5.81 13.21
C PRO A 200 -15.37 6.42 11.85
N ILE A 201 -16.20 7.41 11.80
CA ILE A 201 -16.48 8.08 10.54
C ILE A 201 -16.35 9.56 10.72
N ILE A 202 -16.11 10.23 9.62
CA ILE A 202 -16.21 11.69 9.60
C ILE A 202 -17.66 12.05 9.44
N GLU A 203 -18.21 12.67 10.46
CA GLU A 203 -19.60 13.12 10.44
C GLU A 203 -19.62 14.61 10.72
N ASN A 204 -19.92 15.36 9.68
CA ASN A 204 -19.92 16.81 9.78
C ASN A 204 -18.51 17.30 9.97
N GLY A 205 -17.62 16.69 9.20
CA GLY A 205 -16.23 17.10 9.17
C GLY A 205 -15.52 16.81 10.47
N GLU A 206 -16.28 16.29 11.42
CA GLU A 206 -15.70 15.82 12.71
C GLU A 206 -15.80 14.29 12.94
N ARG A 207 -14.71 13.77 13.47
CA ARG A 207 -14.64 12.35 13.81
C ARG A 207 -15.79 12.02 14.75
N VAL A 208 -16.19 10.75 14.69
CA VAL A 208 -17.34 10.18 15.42
C VAL A 208 -17.44 8.67 15.43
N TRP A 209 -17.57 8.16 16.61
CA TRP A 209 -17.78 6.75 16.70
C TRP A 209 -19.25 6.48 16.54
N LYS A 210 -19.54 5.86 15.42
CA LYS A 210 -20.91 5.58 14.96
C LYS A 210 -21.23 4.12 15.18
N GLU A 211 -22.38 3.95 15.80
CA GLU A 211 -22.95 2.65 16.11
C GLU A 211 -24.00 2.30 15.07
N PHE A 212 -23.99 1.06 14.64
CA PHE A 212 -24.99 0.59 13.66
C PHE A 212 -25.18 -0.91 13.71
N VAL A 213 -25.95 -1.39 12.77
CA VAL A 213 -26.34 -2.81 12.75
C VAL A 213 -25.88 -3.48 11.49
N ASP A 214 -25.33 -4.65 11.64
CA ASP A 214 -24.96 -5.40 10.45
C ASP A 214 -25.01 -6.88 10.76
N MSE A 215 -24.93 -7.64 9.72
CA MSE A 215 -24.93 -9.11 9.84
C MSE A 215 -23.58 -9.54 10.29
O MSE A 215 -22.56 -8.94 9.95
CB MSE A 215 -25.22 -9.77 8.51
CG MSE A 215 -26.40 -10.63 8.56
SE MSE A 215 -26.55 -11.82 6.98
CE MSE A 215 -28.48 -11.87 7.17
N ASP A 216 -23.58 -10.61 11.06
CA ASP A 216 -22.35 -11.24 11.52
C ASP A 216 -21.81 -12.13 10.39
N TYR A 217 -21.37 -11.49 9.33
CA TYR A 217 -20.89 -12.18 8.11
C TYR A 217 -19.84 -13.26 8.43
N ASP A 218 -19.96 -14.40 7.76
CA ASP A 218 -18.99 -15.55 7.96
C ASP A 218 -18.61 -16.27 6.67
N SER A 219 -17.48 -15.90 6.12
CA SER A 219 -17.04 -16.40 4.84
C SER A 219 -16.50 -17.80 4.95
N ASP A 220 -16.54 -18.36 6.15
CA ASP A 220 -15.91 -19.67 6.38
C ASP A 220 -16.77 -20.74 5.76
N LYS A 221 -18.03 -20.42 5.54
CA LYS A 221 -18.99 -21.34 4.95
C LYS A 221 -18.94 -21.37 3.41
N PHE A 222 -18.23 -20.40 2.86
CA PHE A 222 -18.27 -20.19 1.41
C PHE A 222 -17.50 -21.30 0.65
N VAL A 223 -16.52 -21.89 1.28
CA VAL A 223 -15.68 -22.90 0.58
C VAL A 223 -16.58 -24.07 0.22
N GLU A 224 -17.36 -24.49 1.19
CA GLU A 224 -18.30 -25.62 1.00
C GLU A 224 -19.29 -25.32 -0.12
N ILE A 225 -19.73 -24.08 -0.09
CA ILE A 225 -20.68 -23.61 -1.08
C ILE A 225 -20.11 -23.68 -2.47
N GLY A 226 -18.87 -23.27 -2.56
CA GLY A 226 -18.21 -23.15 -3.85
C GLY A 226 -17.95 -24.50 -4.48
N VAL A 227 -17.60 -25.44 -3.65
CA VAL A 227 -17.39 -26.84 -4.10
C VAL A 227 -18.67 -27.43 -4.69
N GLU A 228 -19.77 -27.30 -3.98
CA GLU A 228 -21.10 -27.71 -4.52
C GLU A 228 -21.45 -26.93 -5.80
N PHE A 229 -21.26 -25.63 -5.75
CA PHE A 229 -21.58 -24.75 -6.91
C PHE A 229 -20.91 -25.23 -8.20
N GLU A 230 -19.64 -25.51 -8.06
CA GLU A 230 -18.82 -25.86 -9.20
C GLU A 230 -19.24 -27.16 -9.86
N GLN A 231 -20.03 -27.97 -9.17
CA GLN A 231 -20.49 -29.24 -9.74
C GLN A 231 -21.41 -28.96 -10.89
N LYS A 232 -21.94 -27.74 -10.89
CA LYS A 232 -22.85 -27.31 -11.94
C LYS A 232 -22.10 -27.10 -13.25
N GLY A 233 -20.80 -26.93 -13.19
CA GLY A 233 -20.01 -26.68 -14.40
C GLY A 233 -20.17 -25.30 -15.06
N THR A 234 -20.39 -24.30 -14.25
CA THR A 234 -20.61 -22.96 -14.80
C THR A 234 -19.49 -21.99 -14.50
N VAL A 235 -18.40 -22.55 -14.01
CA VAL A 235 -17.23 -21.74 -13.71
C VAL A 235 -16.09 -22.05 -14.69
N THR A 236 -15.53 -21.01 -15.27
CA THR A 236 -14.39 -21.16 -16.18
C THR A 236 -13.13 -21.12 -15.36
N MSE A 237 -12.32 -22.16 -15.49
CA MSE A 237 -11.03 -22.20 -14.81
C MSE A 237 -9.87 -22.14 -15.75
O MSE A 237 -9.88 -22.66 -16.86
CB MSE A 237 -10.99 -23.47 -13.97
CG MSE A 237 -12.11 -23.41 -12.92
SE MSE A 237 -12.15 -24.94 -11.78
CE MSE A 237 -14.01 -24.88 -11.17
N GLY A 238 -8.83 -21.46 -15.30
CA GLY A 238 -7.57 -21.40 -16.05
C GLY A 238 -6.48 -20.78 -15.23
N LYS A 239 -5.36 -20.56 -15.85
CA LYS A 239 -4.21 -20.05 -15.12
C LYS A 239 -3.81 -18.63 -15.53
N ILE A 240 -3.37 -17.88 -14.54
CA ILE A 240 -2.57 -16.67 -14.80
C ILE A 240 -1.24 -16.89 -14.16
N GLY A 241 -0.24 -17.10 -15.00
CA GLY A 241 1.06 -17.56 -14.53
C GLY A 241 0.84 -18.86 -13.81
N ASN A 242 1.24 -18.87 -12.56
CA ASN A 242 1.11 -20.03 -11.68
C ASN A 242 -0.21 -20.13 -10.96
N ALA A 243 -1.02 -19.06 -11.01
CA ALA A 243 -2.27 -18.97 -10.24
C ALA A 243 -3.42 -19.71 -10.89
N LYS A 244 -4.12 -20.47 -10.07
CA LYS A 244 -5.39 -21.07 -10.46
C LYS A 244 -6.47 -20.02 -10.32
N CYS A 245 -7.16 -19.83 -11.42
CA CYS A 245 -8.15 -18.74 -11.50
C CYS A 245 -9.52 -19.23 -11.89
N ARG A 246 -10.50 -18.44 -11.49
CA ARG A 246 -11.91 -18.77 -11.73
C ARG A 246 -12.67 -17.55 -12.20
N LEU A 247 -13.46 -17.72 -13.25
CA LEU A 247 -14.36 -16.64 -13.76
C LEU A 247 -15.80 -17.19 -13.78
N MSE A 248 -16.70 -16.49 -13.15
CA MSE A 248 -18.11 -16.92 -13.05
C MSE A 248 -19.00 -15.70 -13.08
O MSE A 248 -18.55 -14.61 -12.85
CB MSE A 248 -18.34 -17.63 -11.74
CG MSE A 248 -18.33 -16.74 -10.53
SE MSE A 248 -17.92 -17.70 -8.87
CE MSE A 248 -15.99 -18.09 -9.10
N LYS A 249 -20.27 -15.94 -13.39
CA LYS A 249 -21.30 -14.87 -13.33
C LYS A 249 -21.66 -14.62 -11.86
N GLN A 250 -21.75 -13.35 -11.49
CA GLN A 250 -22.06 -13.06 -10.11
C GLN A 250 -23.47 -13.58 -9.72
N ARG A 251 -24.43 -13.45 -10.64
CA ARG A 251 -25.83 -13.81 -10.31
C ARG A 251 -25.92 -15.32 -10.03
N ASP A 252 -25.10 -16.06 -10.74
CA ASP A 252 -25.11 -17.55 -10.69
C ASP A 252 -24.80 -17.98 -9.28
N ILE A 253 -23.66 -17.54 -8.77
CA ILE A 253 -23.18 -17.94 -7.42
C ILE A 253 -24.05 -17.28 -6.33
N VAL A 254 -24.47 -16.03 -6.55
CA VAL A 254 -25.24 -15.40 -5.51
C VAL A 254 -26.55 -16.11 -5.36
N ASP A 255 -27.18 -16.42 -6.47
CA ASP A 255 -28.45 -17.15 -6.43
C ASP A 255 -28.25 -18.54 -5.83
N PHE A 256 -27.21 -19.20 -6.26
CA PHE A 256 -26.94 -20.54 -5.69
C PHE A 256 -26.75 -20.51 -4.17
N GLY A 257 -25.96 -19.55 -3.74
CA GLY A 257 -25.65 -19.34 -2.34
C GLY A 257 -26.86 -19.07 -1.50
N THR A 258 -27.74 -18.20 -2.03
CA THR A 258 -29.00 -17.89 -1.37
C THR A 258 -29.82 -19.15 -1.11
N GLU A 259 -29.98 -19.97 -2.15
CA GLU A 259 -30.80 -21.19 -2.03
C GLU A 259 -30.10 -22.16 -1.09
N TRP A 260 -28.78 -22.16 -1.18
CA TRP A 260 -27.96 -23.08 -0.36
C TRP A 260 -28.18 -22.88 1.16
N PHE A 261 -28.11 -21.63 1.53
CA PHE A 261 -28.34 -21.18 2.92
C PHE A 261 -29.76 -21.44 3.38
N ARG A 262 -30.72 -21.22 2.50
CA ARG A 262 -32.12 -21.44 2.85
C ARG A 262 -32.39 -22.93 3.12
N LYS A 263 -31.71 -23.77 2.38
CA LYS A 263 -31.94 -25.22 2.45
C LYS A 263 -31.23 -25.73 3.66
N LYS A 264 -30.34 -24.87 4.07
CA LYS A 264 -29.43 -25.04 5.21
C LYS A 264 -28.30 -26.02 4.96
N ILE B 4 1.85 -7.55 18.38
CA ILE B 4 2.37 -6.26 18.94
C ILE B 4 1.67 -5.99 20.25
N VAL B 5 0.59 -6.73 20.43
CA VAL B 5 -0.37 -6.48 21.53
C VAL B 5 0.23 -6.73 22.90
N ALA B 6 0.91 -7.85 23.00
CA ALA B 6 1.50 -8.32 24.28
C ALA B 6 2.62 -7.40 24.68
N SER B 7 3.12 -6.72 23.69
CA SER B 7 4.36 -5.95 23.82
C SER B 7 4.02 -4.55 24.21
N THR B 8 2.73 -4.34 24.35
CA THR B 8 2.20 -2.99 24.55
C THR B 8 1.24 -2.93 25.73
N GLN B 9 1.44 -1.91 26.54
CA GLN B 9 0.66 -1.71 27.77
C GLN B 9 -0.77 -1.26 27.49
N LEU B 10 -0.84 -0.04 26.99
CA LEU B 10 -2.06 0.56 26.44
C LEU B 10 -1.80 1.05 25.02
N PRO B 11 -2.83 1.06 24.18
CA PRO B 11 -2.63 1.39 22.77
C PRO B 11 -1.84 2.64 22.53
N ASN B 12 -1.02 2.51 21.53
CA ASN B 12 -0.39 3.67 20.90
C ASN B 12 -1.49 4.33 20.10
N THR B 13 -1.55 5.64 20.22
CA THR B 13 -2.56 6.40 19.51
C THR B 13 -1.90 7.59 18.85
N ILE B 14 -2.69 8.28 18.06
CA ILE B 14 -2.21 9.51 17.42
C ILE B 14 -1.67 10.40 18.52
N LYS B 15 -2.43 10.47 19.58
CA LYS B 15 -2.08 11.36 20.71
C LYS B 15 -0.80 10.99 21.39
N THR B 16 -0.64 9.71 21.63
CA THR B 16 0.52 9.27 22.41
C THR B 16 1.76 9.40 21.56
N ILE B 17 1.59 9.15 20.27
CA ILE B 17 2.73 9.28 19.34
C ILE B 17 3.15 10.73 19.28
N THR B 18 2.17 11.63 19.26
CA THR B 18 2.51 13.07 19.17
C THR B 18 3.32 13.43 20.40
N ASN B 19 2.96 12.77 21.49
CA ASN B 19 3.68 12.98 22.77
C ASN B 19 5.10 12.57 22.67
N ASP B 20 5.21 11.36 22.17
CA ASP B 20 6.49 10.72 22.02
C ASP B 20 7.37 11.58 21.12
N LEU B 21 6.76 12.13 20.09
CA LEU B 21 7.50 12.92 19.11
C LEU B 21 8.07 14.19 19.74
N ARG B 22 7.26 14.85 20.55
CA ARG B 22 7.63 16.18 21.04
C ARG B 22 8.65 15.99 22.14
N LYS B 23 8.53 14.83 22.74
CA LYS B 23 9.36 14.47 23.89
C LYS B 23 10.76 14.36 23.37
N LEU B 24 10.79 13.74 22.21
CA LEU B 24 12.03 13.38 21.54
C LEU B 24 12.68 14.62 20.97
N GLY B 25 11.83 15.61 20.71
CA GLY B 25 12.30 16.95 20.33
C GLY B 25 11.71 17.54 19.07
N LEU B 26 10.85 16.77 18.43
CA LEU B 26 10.08 17.28 17.27
C LEU B 26 9.21 18.45 17.66
N LYS B 27 9.12 19.39 16.74
CA LYS B 27 8.19 20.49 16.87
C LYS B 27 7.79 21.09 15.55
N LYS B 28 6.85 21.99 15.72
CA LYS B 28 6.23 22.74 14.65
C LYS B 28 7.28 23.46 13.85
N GLY B 29 7.20 23.35 12.55
CA GLY B 29 7.99 24.17 11.65
C GLY B 29 9.28 23.52 11.19
N MSE B 30 9.56 22.42 11.83
CA MSE B 30 10.74 21.62 11.52
C MSE B 30 10.67 20.95 10.15
O MSE B 30 9.60 20.61 9.66
CB MSE B 30 10.90 20.55 12.60
CG MSE B 30 12.13 19.76 12.54
SE MSE B 30 12.21 18.58 14.13
CE MSE B 30 12.67 19.88 15.42
N THR B 31 11.84 20.84 9.55
CA THR B 31 12.05 20.08 8.30
C THR B 31 12.67 18.76 8.70
N VAL B 32 11.96 17.70 8.39
CA VAL B 32 12.37 16.36 8.82
C VAL B 32 12.10 15.25 7.81
N ILE B 33 13.15 14.53 7.50
CA ILE B 33 13.08 13.27 6.73
C ILE B 33 12.96 12.13 7.72
N VAL B 34 11.98 11.27 7.46
CA VAL B 34 11.56 10.21 8.38
C VAL B 34 11.70 8.86 7.77
N HIS B 35 12.26 7.99 8.58
CA HIS B 35 12.52 6.56 8.26
C HIS B 35 11.96 5.73 9.37
N SER B 36 11.14 4.75 8.99
CA SER B 36 10.42 3.99 10.01
C SER B 36 10.14 2.55 9.70
N SER B 37 9.97 1.86 10.81
CA SER B 37 9.37 0.53 10.90
C SER B 37 8.12 0.61 11.77
N LEU B 38 6.98 0.39 11.13
CA LEU B 38 5.69 0.42 11.85
C LEU B 38 5.68 -0.54 13.06
N SER B 39 6.08 -1.76 12.81
CA SER B 39 5.93 -2.80 13.84
C SER B 39 6.65 -2.43 15.11
N SER B 40 7.65 -1.58 14.93
CA SER B 40 8.69 -1.40 15.96
C SER B 40 8.09 -0.62 17.11
N ILE B 41 7.05 0.11 16.78
CA ILE B 41 6.41 1.02 17.73
C ILE B 41 5.57 0.23 18.73
N GLY B 42 5.08 -0.90 18.27
CA GLY B 42 4.09 -1.67 19.04
C GLY B 42 2.70 -1.61 18.43
N TRP B 43 1.70 -1.85 19.27
CA TRP B 43 0.30 -1.85 18.82
C TRP B 43 -0.22 -0.43 18.75
N ILE B 44 -0.65 -0.08 17.56
CA ILE B 44 -1.19 1.25 17.26
C ILE B 44 -2.61 1.21 16.78
N SER B 45 -3.43 1.96 17.47
CA SER B 45 -4.80 2.20 17.03
C SER B 45 -4.78 3.14 15.81
N GLY B 46 -4.93 2.52 14.65
CA GLY B 46 -4.97 3.23 13.38
C GLY B 46 -3.77 2.91 12.52
N GLY B 47 -2.84 2.21 13.14
CA GLY B 47 -1.63 1.78 12.41
C GLY B 47 -0.90 2.94 11.74
N ALA B 48 -0.62 2.74 10.47
CA ALA B 48 0.20 3.69 9.69
C ALA B 48 -0.43 5.08 9.69
N VAL B 49 -1.74 5.11 9.67
CA VAL B 49 -2.47 6.39 9.52
C VAL B 49 -2.16 7.21 10.75
N ALA B 50 -1.99 6.50 11.84
CA ALA B 50 -1.92 7.13 13.17
C ALA B 50 -0.57 7.81 13.26
N VAL B 51 0.39 7.20 12.59
CA VAL B 51 1.78 7.70 12.61
C VAL B 51 1.90 8.90 11.72
N VAL B 52 1.25 8.80 10.58
CA VAL B 52 1.29 9.88 9.62
C VAL B 52 0.60 11.10 10.26
N GLU B 53 -0.56 10.84 10.82
CA GLU B 53 -1.39 11.91 11.40
C GLU B 53 -0.65 12.64 12.53
N ALA B 54 0.06 11.85 13.33
CA ALA B 54 0.83 12.39 14.48
C ALA B 54 2.00 13.21 14.03
N LEU B 55 2.70 12.71 13.02
CA LEU B 55 3.80 13.44 12.43
C LEU B 55 3.30 14.79 11.93
N MSE B 56 2.17 14.76 11.21
CA MSE B 56 1.59 15.99 10.65
C MSE B 56 1.15 16.99 11.71
O MSE B 56 1.27 18.22 11.57
CB MSE B 56 0.46 15.69 9.68
CG MSE B 56 0.94 15.10 8.40
SE MSE B 56 -0.62 14.49 7.37
CE MSE B 56 0.30 14.11 5.71
N GLU B 57 0.66 16.41 12.79
CA GLU B 57 0.10 17.18 13.90
C GLU B 57 1.20 17.94 14.63
N VAL B 58 2.34 17.29 14.77
CA VAL B 58 3.52 17.92 15.42
C VAL B 58 4.18 18.94 14.50
N ILE B 59 4.49 18.48 13.29
CA ILE B 59 5.27 19.30 12.35
C ILE B 59 4.46 20.51 11.83
N THR B 60 3.21 20.19 11.54
CA THR B 60 2.26 21.09 10.84
C THR B 60 2.69 21.47 9.44
N GLU B 61 1.75 22.17 8.81
CA GLU B 61 1.86 22.68 7.42
C GLU B 61 3.00 23.68 7.27
N GLU B 62 3.43 24.20 8.42
CA GLU B 62 4.47 25.23 8.49
C GLU B 62 5.85 24.62 8.43
N GLY B 63 5.89 23.35 8.76
CA GLY B 63 7.08 22.49 8.60
C GLY B 63 6.94 21.60 7.37
N THR B 64 7.87 20.67 7.27
CA THR B 64 7.91 19.75 6.13
C THR B 64 8.34 18.37 6.56
N ILE B 65 7.56 17.44 6.10
CA ILE B 65 7.84 16.00 6.24
C ILE B 65 8.25 15.44 4.90
N ILE B 66 9.39 14.78 4.93
CA ILE B 66 9.88 14.01 3.78
C ILE B 66 10.07 12.52 4.15
N MSE B 67 9.80 11.66 3.18
CA MSE B 67 10.17 10.22 3.24
C MSE B 67 10.64 9.70 1.86
O MSE B 67 10.15 10.12 0.81
CB MSE B 67 9.00 9.36 3.72
CG MSE B 67 8.29 9.91 4.93
SE MSE B 67 6.94 8.66 5.62
CE MSE B 67 5.98 9.94 6.74
N PRO B 68 11.59 8.78 1.85
CA PRO B 68 11.98 8.19 0.61
C PRO B 68 10.91 7.25 0.13
N THR B 69 10.71 7.25 -1.18
CA THR B 69 9.67 6.46 -1.86
C THR B 69 10.28 5.64 -3.01
N GLN B 70 11.37 4.98 -2.67
CA GLN B 70 12.11 4.15 -3.63
C GLN B 70 11.27 3.05 -4.23
N SER B 71 11.55 2.81 -5.50
CA SER B 71 10.91 1.77 -6.30
C SER B 71 11.94 1.07 -7.14
N SER B 72 12.86 0.41 -6.45
CA SER B 72 14.04 -0.17 -7.08
C SER B 72 13.66 -1.33 -7.99
N ASP B 73 12.43 -1.78 -7.92
CA ASP B 73 12.06 -2.94 -8.75
C ASP B 73 11.81 -2.56 -10.20
N LEU B 74 11.96 -1.28 -10.46
CA LEU B 74 11.85 -0.73 -11.83
C LEU B 74 13.19 -0.71 -12.54
N SER B 75 14.23 -1.05 -11.80
CA SER B 75 15.62 -1.00 -12.31
C SER B 75 16.04 -2.15 -13.18
N ASP B 76 17.22 -1.97 -13.73
CA ASP B 76 17.82 -2.92 -14.69
C ASP B 76 18.26 -4.10 -13.91
N PRO B 77 17.76 -5.27 -14.28
CA PRO B 77 17.91 -6.46 -13.43
C PRO B 77 19.29 -7.07 -13.48
N LYS B 78 20.13 -6.52 -14.34
CA LYS B 78 21.50 -7.01 -14.52
C LYS B 78 22.27 -6.64 -13.29
N HIS B 79 21.66 -5.75 -12.54
CA HIS B 79 22.30 -5.19 -11.35
C HIS B 79 21.71 -5.77 -10.09
N TRP B 80 20.71 -6.62 -10.28
CA TRP B 80 19.99 -7.21 -9.13
C TRP B 80 20.86 -8.30 -8.57
N SER B 81 21.30 -8.10 -7.36
CA SER B 81 22.14 -9.07 -6.70
C SER B 81 21.48 -9.60 -5.44
N ARG B 82 20.24 -9.21 -5.17
CA ARG B 82 19.51 -9.89 -4.10
C ARG B 82 18.05 -9.54 -3.92
N PRO B 83 17.19 -10.44 -4.39
CA PRO B 83 17.75 -11.55 -5.12
C PRO B 83 17.97 -11.24 -6.59
N PRO B 84 18.83 -12.02 -7.22
CA PRO B 84 18.97 -11.90 -8.65
C PRO B 84 17.95 -12.78 -9.34
N VAL B 85 17.83 -12.53 -10.63
CA VAL B 85 16.93 -13.33 -11.48
C VAL B 85 17.70 -13.84 -12.70
N PRO B 86 17.22 -14.93 -13.29
CA PRO B 86 17.87 -15.51 -14.47
C PRO B 86 18.13 -14.49 -15.54
N GLU B 87 19.28 -14.65 -16.18
CA GLU B 87 19.74 -13.68 -17.17
C GLU B 87 18.86 -13.66 -18.39
N GLU B 88 18.20 -14.76 -18.63
CA GLU B 88 17.31 -14.84 -19.78
C GLU B 88 16.14 -13.89 -19.50
N TRP B 89 15.91 -13.59 -18.24
CA TRP B 89 14.77 -12.70 -17.88
C TRP B 89 15.05 -11.23 -18.15
N TRP B 90 16.31 -10.88 -18.37
CA TRP B 90 16.74 -9.47 -18.33
C TRP B 90 16.14 -8.54 -19.39
N GLN B 91 16.17 -8.98 -20.63
CA GLN B 91 15.67 -8.14 -21.72
C GLN B 91 14.17 -8.05 -21.63
N ILE B 92 13.62 -9.16 -21.14
CA ILE B 92 12.16 -9.28 -21.07
C ILE B 92 11.68 -8.18 -20.14
N ILE B 93 12.45 -8.04 -19.09
CA ILE B 93 12.16 -7.11 -18.03
C ILE B 93 12.27 -5.70 -18.57
N ARG B 94 13.33 -5.45 -19.30
CA ARG B 94 13.60 -4.10 -19.83
C ARG B 94 12.54 -3.68 -20.80
N ASP B 95 12.00 -4.68 -21.47
CA ASP B 95 11.03 -4.45 -22.53
C ASP B 95 9.62 -4.29 -21.98
N ASN B 96 9.42 -4.64 -20.73
CA ASN B 96 8.05 -4.82 -20.24
C ASN B 96 7.65 -4.20 -18.92
N VAL B 97 8.63 -3.92 -18.08
CA VAL B 97 8.32 -3.49 -16.72
C VAL B 97 7.57 -2.14 -16.93
N PRO B 98 6.50 -1.90 -16.20
CA PRO B 98 5.85 -0.61 -16.52
C PRO B 98 6.56 0.59 -15.98
N ALA B 99 6.38 1.68 -16.73
CA ALA B 99 6.93 3.01 -16.40
C ALA B 99 6.54 3.55 -15.03
N PHE B 100 7.51 4.23 -14.44
CA PHE B 100 7.28 4.95 -13.20
C PHE B 100 6.25 6.03 -13.48
N GLU B 101 5.30 6.19 -12.61
CA GLU B 101 4.48 7.41 -12.59
C GLU B 101 4.24 7.80 -11.13
N PRO B 102 4.51 9.06 -10.76
CA PRO B 102 4.62 9.37 -9.34
C PRO B 102 3.38 9.08 -8.57
N HIS B 103 2.27 9.36 -9.24
CA HIS B 103 0.91 9.23 -8.66
C HIS B 103 0.41 7.79 -8.60
N ILE B 104 1.25 6.87 -9.08
CA ILE B 104 0.88 5.44 -9.24
C ILE B 104 1.80 4.39 -8.63
N THR B 105 3.08 4.49 -8.92
CA THR B 105 4.07 3.42 -8.63
C THR B 105 4.31 3.16 -7.14
N PRO B 106 4.09 1.90 -6.71
CA PRO B 106 4.32 1.63 -5.29
C PRO B 106 5.79 1.60 -4.93
N THR B 107 6.08 1.88 -3.68
CA THR B 107 7.44 1.73 -3.16
C THR B 107 7.72 0.29 -2.81
N ARG B 108 8.99 0.08 -2.59
CA ARG B 108 9.56 -1.20 -2.15
C ARG B 108 10.56 -0.92 -1.06
N ALA B 109 10.38 -1.70 -0.02
CA ALA B 109 11.29 -1.74 1.12
C ALA B 109 11.27 -0.45 1.93
N MSE B 110 10.22 0.33 1.75
CA MSE B 110 10.14 1.64 2.42
C MSE B 110 9.29 1.54 3.69
O MSE B 110 9.52 2.22 4.67
CB MSE B 110 9.58 2.72 1.50
CG MSE B 110 10.48 3.08 0.33
SE MSE B 110 12.23 3.79 0.81
CE MSE B 110 13.31 2.11 0.62
N GLY B 111 8.33 0.65 3.63
CA GLY B 111 7.38 0.43 4.74
C GLY B 111 5.99 1.01 4.58
N LYS B 112 5.15 0.59 5.50
CA LYS B 112 3.74 0.96 5.55
C LYS B 112 3.45 2.43 5.87
N VAL B 113 4.31 3.06 6.63
CA VAL B 113 4.11 4.48 6.98
C VAL B 113 4.31 5.25 5.69
N VAL B 114 5.31 4.82 4.93
CA VAL B 114 5.66 5.47 3.66
C VAL B 114 4.53 5.31 2.61
N GLU B 115 4.06 4.10 2.50
CA GLU B 115 2.97 3.79 1.57
C GLU B 115 1.71 4.59 1.87
N CYS B 116 1.47 4.80 3.16
CA CYS B 116 0.31 5.57 3.59
C CYS B 116 0.56 7.05 3.27
N PHE B 117 1.75 7.48 3.60
CA PHE B 117 2.11 8.91 3.50
C PHE B 117 1.94 9.36 2.02
N ARG B 118 2.45 8.51 1.17
CA ARG B 118 2.47 8.68 -0.29
C ARG B 118 1.11 9.00 -0.89
N THR B 119 0.08 8.54 -0.21
CA THR B 119 -1.29 8.56 -0.71
C THR B 119 -2.06 9.71 -0.19
N TYR B 120 -1.45 10.40 0.74
CA TYR B 120 -2.12 11.52 1.39
C TYR B 120 -2.31 12.71 0.49
N PRO B 121 -3.43 13.40 0.69
CA PRO B 121 -3.69 14.71 0.09
C PRO B 121 -2.56 15.67 0.34
N ASN B 122 -2.21 16.34 -0.72
CA ASN B 122 -1.23 17.40 -0.70
C ASN B 122 0.19 16.91 -0.47
N VAL B 123 0.34 15.60 -0.46
CA VAL B 123 1.69 15.04 -0.55
C VAL B 123 2.14 15.04 -2.02
N VAL B 124 3.37 15.45 -2.24
CA VAL B 124 3.98 15.50 -3.57
C VAL B 124 5.20 14.61 -3.63
N ARG B 125 5.35 13.99 -4.78
CA ARG B 125 6.43 13.01 -5.01
C ARG B 125 7.36 13.47 -6.14
N SER B 126 8.63 13.30 -5.91
CA SER B 126 9.62 13.65 -6.94
C SER B 126 9.54 12.69 -8.12
N ASN B 127 10.16 13.11 -9.17
CA ASN B 127 10.07 12.42 -10.41
C ASN B 127 11.40 11.74 -10.64
N HIS B 128 11.51 10.60 -10.02
CA HIS B 128 12.61 9.67 -10.28
C HIS B 128 12.04 8.26 -10.25
N PRO B 129 12.31 7.46 -11.28
CA PRO B 129 11.70 6.13 -11.43
C PRO B 129 12.21 5.11 -10.46
N LEU B 130 13.34 5.40 -9.84
CA LEU B 130 13.96 4.45 -8.90
C LEU B 130 14.15 4.99 -7.47
N GLY B 131 14.52 6.24 -7.38
CA GLY B 131 14.96 6.87 -6.12
C GLY B 131 14.18 8.10 -5.70
N SER B 132 12.88 8.02 -5.88
CA SER B 132 11.97 9.17 -5.58
C SER B 132 11.82 9.42 -4.11
N PHE B 133 11.38 10.64 -3.80
CA PHE B 133 10.98 11.05 -2.44
C PHE B 133 9.61 11.69 -2.48
N ALA B 134 8.92 11.61 -1.35
CA ALA B 134 7.66 12.35 -1.17
C ALA B 134 7.76 13.28 -0.01
N ALA B 135 7.01 14.36 -0.14
CA ALA B 135 7.06 15.42 0.87
C ALA B 135 5.72 16.10 1.05
N TRP B 136 5.57 16.65 2.25
CA TRP B 136 4.33 17.34 2.65
C TRP B 136 4.69 18.55 3.47
N GLY B 137 4.02 19.66 3.17
CA GLY B 137 4.23 20.88 3.93
C GLY B 137 4.95 21.97 3.20
N ARG B 138 5.63 22.80 3.98
CA ARG B 138 6.02 24.14 3.51
C ARG B 138 6.95 24.09 2.31
N HIS B 139 7.93 23.20 2.41
CA HIS B 139 8.98 23.13 1.40
C HIS B 139 8.85 21.89 0.53
N ALA B 140 7.66 21.33 0.58
CA ALA B 140 7.35 20.08 -0.13
C ALA B 140 7.76 20.12 -1.61
N GLU B 141 7.36 21.18 -2.28
CA GLU B 141 7.59 21.31 -3.73
C GLU B 141 9.05 21.54 -4.05
N GLU B 142 9.57 22.47 -3.30
CA GLU B 142 10.95 22.88 -3.44
C GLU B 142 11.86 21.68 -3.32
N ILE B 143 11.54 20.81 -2.38
CA ILE B 143 12.44 19.69 -2.02
C ILE B 143 12.37 18.63 -3.10
N THR B 144 11.18 18.50 -3.69
CA THR B 144 10.90 17.35 -4.59
C THR B 144 11.08 17.63 -6.07
N VAL B 145 11.12 18.90 -6.43
CA VAL B 145 11.19 19.25 -7.85
C VAL B 145 12.59 19.06 -8.41
N ASN B 146 12.58 18.80 -9.70
CA ASN B 146 13.78 18.75 -10.52
C ASN B 146 14.88 17.84 -10.00
N GLN B 147 14.48 16.71 -9.47
CA GLN B 147 15.47 15.64 -9.17
C GLN B 147 16.14 15.16 -10.47
N SER B 148 17.46 15.05 -10.45
CA SER B 148 18.25 14.58 -11.59
C SER B 148 17.99 13.10 -11.81
N LEU B 149 18.03 12.68 -13.07
CA LEU B 149 17.89 11.23 -13.39
C LEU B 149 19.15 10.48 -12.98
N SER B 150 20.24 10.83 -13.64
CA SER B 150 21.60 10.40 -13.21
C SER B 150 21.97 11.07 -11.89
N MSE B 151 22.81 10.40 -11.14
CA MSE B 151 23.26 10.85 -9.82
C MSE B 151 22.04 11.18 -8.98
O MSE B 151 21.87 12.28 -8.44
CB MSE B 151 24.16 12.10 -9.93
CG MSE B 151 25.41 11.93 -10.74
SE MSE B 151 26.48 10.34 -10.26
CE MSE B 151 26.79 10.70 -8.36
N SER B 152 21.16 10.21 -8.89
CA SER B 152 19.80 10.47 -8.40
C SER B 152 19.74 11.01 -6.98
N LEU B 153 20.71 10.62 -6.19
CA LEU B 153 20.74 10.98 -4.76
C LEU B 153 21.83 11.98 -4.46
N GLY B 154 22.26 12.61 -5.54
CA GLY B 154 23.30 13.65 -5.50
C GLY B 154 22.90 15.10 -5.20
N GLU B 155 23.62 16.00 -5.81
CA GLU B 155 23.52 17.45 -5.50
C GLU B 155 22.26 18.12 -6.03
N GLU B 156 21.61 17.42 -6.95
CA GLU B 156 20.34 17.88 -7.49
C GLU B 156 19.16 17.06 -6.98
N SER B 157 19.31 16.53 -5.80
CA SER B 157 18.27 15.65 -5.22
C SER B 157 17.58 16.22 -3.98
N PRO B 158 16.47 15.57 -3.55
CA PRO B 158 15.83 15.97 -2.31
C PRO B 158 16.75 15.95 -1.11
N LEU B 159 17.77 15.12 -1.16
CA LEU B 159 18.73 15.09 -0.06
C LEU B 159 19.48 16.43 0.06
N ARG B 160 19.85 16.97 -1.07
CA ARG B 160 20.60 18.24 -1.10
C ARG B 160 19.66 19.35 -0.64
N LYS B 161 18.41 19.22 -0.97
CA LYS B 161 17.44 20.28 -0.63
C LYS B 161 17.25 20.37 0.87
N ILE B 162 17.20 19.19 1.45
CA ILE B 162 17.08 19.04 2.91
C ILE B 162 18.31 19.61 3.59
N TYR B 163 19.47 19.25 3.06
CA TYR B 163 20.76 19.79 3.55
C TYR B 163 20.74 21.33 3.57
N ASP B 164 20.32 21.85 2.45
CA ASP B 164 20.25 23.30 2.25
C ASP B 164 19.33 23.96 3.27
N LEU B 165 18.40 23.17 3.77
CA LEU B 165 17.32 23.69 4.65
C LEU B 165 17.68 23.50 6.12
N ASP B 166 18.82 22.85 6.29
CA ASP B 166 19.37 22.51 7.60
C ASP B 166 18.39 21.65 8.33
N GLY B 167 17.85 20.71 7.59
CA GLY B 167 16.90 19.75 8.14
C GLY B 167 17.43 18.69 9.09
N TYR B 168 16.45 17.98 9.58
CA TYR B 168 16.59 16.87 10.54
C TYR B 168 16.31 15.51 9.92
N ILE B 169 16.90 14.52 10.56
CA ILE B 169 16.59 13.12 10.32
C ILE B 169 16.05 12.43 11.56
N LEU B 170 14.92 11.79 11.37
CA LEU B 170 14.32 10.92 12.36
C LEU B 170 14.25 9.46 11.92
N LEU B 171 14.88 8.64 12.74
CA LEU B 171 14.85 7.19 12.61
C LEU B 171 13.90 6.64 13.68
N ILE B 172 12.88 5.95 13.22
CA ILE B 172 11.89 5.34 14.11
C ILE B 172 12.01 3.85 14.01
N GLY B 173 12.79 3.28 14.92
CA GLY B 173 12.87 1.83 15.05
C GLY B 173 13.67 1.17 13.94
N VAL B 174 14.48 1.99 13.30
CA VAL B 174 15.40 1.52 12.26
C VAL B 174 16.82 2.06 12.43
N GLY B 175 17.71 1.40 11.70
CA GLY B 175 19.15 1.66 11.75
C GLY B 175 19.68 2.63 10.73
N TYR B 176 20.94 2.96 10.92
CA TYR B 176 21.62 3.94 10.05
C TYR B 176 21.65 3.46 8.61
N ASP B 177 21.45 2.18 8.42
CA ASP B 177 21.42 1.60 7.05
C ASP B 177 20.16 1.99 6.29
N SER B 178 19.20 2.52 7.04
CA SER B 178 17.95 3.02 6.46
C SER B 178 18.02 4.54 6.28
N ASN B 179 19.16 5.07 6.66
CA ASN B 179 19.41 6.52 6.69
C ASN B 179 19.81 7.06 5.33
N THR B 180 18.80 7.31 4.53
CA THR B 180 18.97 7.63 3.09
C THR B 180 19.99 8.75 2.80
N SER B 181 19.93 9.77 3.64
CA SER B 181 20.75 10.96 3.46
C SER B 181 22.25 10.69 3.30
N VAL B 182 22.71 9.56 3.83
CA VAL B 182 24.15 9.27 3.87
C VAL B 182 24.63 8.88 2.48
N HIS B 183 23.67 8.61 1.64
CA HIS B 183 23.95 8.44 0.20
C HIS B 183 24.55 9.71 -0.39
N LEU B 184 24.20 10.87 0.17
CA LEU B 184 24.77 12.17 -0.34
C LEU B 184 26.25 12.22 -0.04
N SER B 185 26.61 11.56 1.05
CA SER B 185 28.00 11.41 1.47
C SER B 185 28.77 10.56 0.47
N GLU B 186 28.15 9.46 0.08
CA GLU B 186 28.77 8.56 -0.92
C GLU B 186 29.03 9.35 -2.18
N VAL B 187 28.05 10.15 -2.54
CA VAL B 187 28.14 10.92 -3.78
C VAL B 187 29.29 11.90 -3.74
N ARG B 188 29.34 12.65 -2.64
CA ARG B 188 30.31 13.73 -2.50
C ARG B 188 31.75 13.22 -2.41
N SER B 189 31.87 12.04 -1.88
CA SER B 189 33.18 11.48 -1.54
C SER B 189 33.66 10.63 -2.71
N GLY B 190 32.75 10.42 -3.62
CA GLY B 190 32.99 9.52 -4.74
C GLY B 190 33.29 8.10 -4.28
N ALA B 191 32.53 7.65 -3.29
CA ALA B 191 32.82 6.38 -2.56
C ALA B 191 32.45 5.15 -3.33
N CYS B 192 31.68 5.39 -4.36
CA CYS B 192 31.07 4.34 -5.18
C CYS B 192 31.42 4.44 -6.64
N GLU B 193 31.60 3.29 -7.25
CA GLU B 193 31.74 3.16 -8.71
C GLU B 193 30.49 3.73 -9.36
N LEU B 194 30.68 4.43 -10.47
CA LEU B 194 29.58 4.71 -11.39
C LEU B 194 29.19 3.49 -12.17
N ILE B 195 27.90 3.34 -12.31
CA ILE B 195 27.36 2.27 -13.15
C ILE B 195 26.31 2.75 -14.13
N LYS B 196 26.22 1.96 -15.18
CA LYS B 196 25.26 2.18 -16.24
C LYS B 196 23.98 1.46 -15.84
N VAL B 197 22.94 2.26 -15.68
CA VAL B 197 21.64 1.78 -15.23
C VAL B 197 20.55 2.14 -16.19
N GLY B 198 19.37 1.75 -15.80
CA GLY B 198 18.18 1.88 -16.63
C GLY B 198 16.89 1.85 -15.86
N ALA B 199 15.87 2.40 -16.46
CA ALA B 199 14.54 2.39 -15.85
C ALA B 199 13.49 2.89 -16.83
N PRO B 200 12.24 2.50 -16.61
CA PRO B 200 11.16 2.89 -17.51
C PRO B 200 10.51 4.17 -17.04
N ILE B 201 10.39 5.09 -17.96
CA ILE B 201 9.69 6.35 -17.71
C ILE B 201 8.72 6.73 -18.80
N ILE B 202 7.95 7.73 -18.48
CA ILE B 202 7.01 8.36 -19.44
C ILE B 202 7.67 9.55 -20.08
N GLU B 203 7.84 9.42 -21.39
CA GLU B 203 8.41 10.46 -22.26
C GLU B 203 7.49 10.67 -23.44
N ASN B 204 7.04 11.90 -23.56
CA ASN B 204 6.13 12.26 -24.67
C ASN B 204 4.87 11.43 -24.60
N GLY B 205 4.50 11.19 -23.37
CA GLY B 205 3.25 10.51 -23.07
C GLY B 205 3.34 9.02 -23.34
N GLU B 206 4.54 8.58 -23.65
CA GLU B 206 4.78 7.12 -23.85
C GLU B 206 5.94 6.50 -23.08
N ARG B 207 5.78 5.21 -22.82
CA ARG B 207 6.79 4.43 -22.08
C ARG B 207 8.04 4.32 -22.88
N VAL B 208 9.12 4.69 -22.24
CA VAL B 208 10.45 4.57 -22.79
C VAL B 208 11.40 4.02 -21.76
N TRP B 209 12.19 3.05 -22.16
CA TRP B 209 13.23 2.49 -21.27
C TRP B 209 14.45 3.39 -21.35
N LYS B 210 14.75 4.03 -20.24
CA LYS B 210 15.79 5.05 -20.22
C LYS B 210 17.07 4.56 -19.60
N GLU B 211 18.13 4.73 -20.35
CA GLU B 211 19.49 4.40 -19.91
C GLU B 211 20.14 5.63 -19.31
N PHE B 212 20.69 5.46 -18.12
CA PHE B 212 21.43 6.54 -17.47
C PHE B 212 22.50 6.02 -16.56
N VAL B 213 23.07 6.97 -15.85
CA VAL B 213 24.26 6.72 -15.04
C VAL B 213 24.06 7.15 -13.61
N ASP B 214 24.45 6.24 -12.73
CA ASP B 214 24.36 6.51 -11.29
C ASP B 214 25.43 5.79 -10.54
N MSE B 215 25.52 6.18 -9.29
CA MSE B 215 26.46 5.57 -8.35
C MSE B 215 25.90 4.24 -7.89
O MSE B 215 24.68 4.05 -7.77
CB MSE B 215 26.66 6.48 -7.15
CG MSE B 215 27.52 5.92 -6.10
SE MSE B 215 28.52 7.41 -5.27
CE MSE B 215 29.28 8.20 -6.92
N ASP B 216 26.80 3.31 -7.65
CA ASP B 216 26.46 1.99 -7.12
C ASP B 216 26.32 2.09 -5.61
N TYR B 217 25.23 2.71 -5.18
CA TYR B 217 24.99 3.07 -3.76
C TYR B 217 24.99 1.83 -2.90
N ASP B 218 25.62 1.98 -1.74
CA ASP B 218 25.75 0.89 -0.77
C ASP B 218 25.61 1.33 0.67
N SER B 219 24.45 1.06 1.23
CA SER B 219 24.11 1.49 2.59
C SER B 219 24.72 0.50 3.58
N ASP B 220 25.21 -0.60 3.06
CA ASP B 220 25.69 -1.66 3.96
C ASP B 220 26.71 -1.05 4.93
N LYS B 221 27.46 -0.11 4.40
CA LYS B 221 28.56 0.57 5.11
C LYS B 221 28.12 1.62 6.14
N PHE B 222 26.83 1.91 6.11
CA PHE B 222 26.27 3.05 6.87
C PHE B 222 26.17 2.80 8.36
N VAL B 223 26.07 1.53 8.72
CA VAL B 223 25.94 1.14 10.13
C VAL B 223 27.21 1.53 10.87
N GLU B 224 28.31 1.10 10.31
CA GLU B 224 29.61 1.46 10.86
C GLU B 224 29.74 2.97 11.00
N ILE B 225 29.21 3.67 10.01
CA ILE B 225 29.43 5.12 9.98
C ILE B 225 28.71 5.76 11.16
N GLY B 226 27.52 5.27 11.40
CA GLY B 226 26.58 5.87 12.37
C GLY B 226 27.07 5.71 13.81
N VAL B 227 27.69 4.58 14.04
CA VAL B 227 28.23 4.29 15.36
C VAL B 227 29.25 5.33 15.71
N GLU B 228 30.21 5.43 14.81
CA GLU B 228 31.29 6.39 14.96
C GLU B 228 30.72 7.78 15.09
N PHE B 229 29.75 8.06 14.25
CA PHE B 229 29.17 9.41 14.22
C PHE B 229 28.61 9.74 15.60
N GLU B 230 28.14 8.70 16.25
CA GLU B 230 27.33 8.87 17.47
C GLU B 230 28.19 9.07 18.69
N GLN B 231 29.48 8.96 18.46
CA GLN B 231 30.47 9.13 19.53
C GLN B 231 30.55 10.62 19.88
N LYS B 232 30.27 11.40 18.85
CA LYS B 232 30.25 12.87 18.95
C LYS B 232 29.24 13.33 19.98
N GLY B 233 28.21 12.52 20.09
CA GLY B 233 27.10 12.74 21.03
C GLY B 233 26.00 13.67 20.58
N THR B 234 25.86 13.82 19.27
CA THR B 234 24.93 14.82 18.70
C THR B 234 23.62 14.22 18.16
N VAL B 235 23.33 13.04 18.63
CA VAL B 235 22.10 12.34 18.25
C VAL B 235 21.21 12.18 19.47
N THR B 236 19.98 12.63 19.34
CA THR B 236 19.01 12.52 20.44
C THR B 236 18.18 11.28 20.31
N MSE B 237 17.88 10.73 21.46
CA MSE B 237 17.23 9.43 21.53
C MSE B 237 16.13 9.32 22.53
O MSE B 237 16.09 9.98 23.56
CB MSE B 237 18.28 8.38 21.77
CG MSE B 237 19.33 8.52 20.73
SE MSE B 237 20.63 7.16 20.85
CE MSE B 237 21.84 7.76 19.42
N GLY B 238 15.21 8.48 22.13
CA GLY B 238 13.97 8.20 22.86
C GLY B 238 13.11 7.16 22.19
N LYS B 239 11.94 6.98 22.77
CA LYS B 239 11.05 5.90 22.40
C LYS B 239 9.80 6.46 21.84
N ILE B 240 9.35 5.81 20.78
CA ILE B 240 7.99 5.96 20.29
C ILE B 240 7.41 4.59 20.45
N GLY B 241 6.52 4.49 21.40
CA GLY B 241 6.06 3.20 21.85
C GLY B 241 7.29 2.41 22.20
N ASN B 242 7.45 1.28 21.54
CA ASN B 242 8.54 0.33 21.82
C ASN B 242 9.75 0.65 21.01
N ALA B 243 9.55 1.60 20.11
CA ALA B 243 10.56 1.94 19.09
C ALA B 243 11.67 2.82 19.63
N LYS B 244 12.88 2.32 19.45
CA LYS B 244 14.11 3.11 19.68
C LYS B 244 14.26 4.11 18.55
N CYS B 245 14.24 5.37 18.94
CA CYS B 245 14.33 6.46 17.98
C CYS B 245 15.59 7.30 18.10
N ARG B 246 15.96 7.83 16.95
CA ARG B 246 17.04 8.81 16.84
C ARG B 246 16.62 10.03 16.03
N LEU B 247 16.94 11.17 16.60
CA LEU B 247 16.80 12.47 15.92
C LEU B 247 18.17 13.14 15.84
N MSE B 248 18.46 13.69 14.67
CA MSE B 248 19.76 14.34 14.38
C MSE B 248 19.66 15.31 13.20
O MSE B 248 18.76 15.24 12.42
CB MSE B 248 20.77 13.27 14.00
CG MSE B 248 20.56 12.74 12.59
SE MSE B 248 21.43 11.01 12.26
CE MSE B 248 20.34 9.92 13.48
N LYS B 249 20.62 16.21 13.15
CA LYS B 249 20.77 17.15 12.01
C LYS B 249 21.32 16.42 10.81
N GLN B 250 20.64 16.60 9.69
CA GLN B 250 21.09 15.97 8.44
C GLN B 250 22.50 16.41 8.05
N ARG B 251 22.81 17.67 8.28
CA ARG B 251 24.08 18.24 7.78
C ARG B 251 25.27 17.61 8.50
N ASP B 252 25.02 17.38 9.76
CA ASP B 252 26.01 16.82 10.71
C ASP B 252 26.48 15.44 10.28
N ILE B 253 25.49 14.63 9.95
CA ILE B 253 25.76 13.23 9.59
C ILE B 253 26.29 13.12 8.17
N VAL B 254 25.79 13.99 7.29
CA VAL B 254 26.20 13.99 5.87
C VAL B 254 27.62 14.46 5.73
N ASP B 255 27.96 15.50 6.47
CA ASP B 255 29.33 16.02 6.50
C ASP B 255 30.27 14.94 7.04
N PHE B 256 29.85 14.35 8.14
CA PHE B 256 30.66 13.34 8.81
C PHE B 256 30.94 12.18 7.85
N GLY B 257 29.91 11.85 7.13
CA GLY B 257 29.91 10.68 6.24
C GLY B 257 30.89 10.88 5.11
N THR B 258 30.84 12.09 4.59
CA THR B 258 31.65 12.46 3.43
C THR B 258 33.09 12.37 3.80
N GLU B 259 33.38 12.92 4.96
CA GLU B 259 34.72 12.91 5.53
C GLU B 259 35.15 11.47 5.76
N TRP B 260 34.24 10.74 6.38
CA TRP B 260 34.50 9.34 6.74
C TRP B 260 34.96 8.62 5.50
N PHE B 261 34.21 8.81 4.43
CA PHE B 261 34.46 8.04 3.19
C PHE B 261 35.79 8.40 2.58
N ARG B 262 36.15 9.67 2.71
CA ARG B 262 37.37 10.15 2.07
C ARG B 262 38.59 9.44 2.68
N LYS B 263 38.44 9.14 3.96
CA LYS B 263 39.54 8.57 4.79
C LYS B 263 39.66 7.09 4.60
N LYS B 264 38.74 6.58 3.82
CA LYS B 264 38.49 5.14 3.77
C LYS B 264 38.20 4.63 5.19
C1 CIT C . -28.85 7.61 6.31
O1 CIT C . -29.08 8.84 6.44
O2 CIT C . -28.91 7.12 5.17
C2 CIT C . -28.50 6.82 7.52
C3 CIT C . -28.20 5.32 7.25
O7 CIT C . -29.40 4.70 6.74
C4 CIT C . -27.77 4.74 8.59
C5 CIT C . -27.65 3.24 8.58
O3 CIT C . -27.72 2.59 7.52
O4 CIT C . -27.47 2.66 9.68
C6 CIT C . -27.07 5.11 6.27
O5 CIT C . -27.25 4.48 5.19
O6 CIT C . -25.93 5.59 6.54
C1 CIT D . 0.13 -12.35 -1.55
O1 CIT D . -0.28 -13.46 -1.91
O2 CIT D . 0.77 -11.68 -2.35
C2 CIT D . -0.24 -11.85 -0.18
C3 CIT D . -1.66 -11.54 -0.54
O7 CIT D . -2.15 -12.88 -0.89
C4 CIT D . -2.51 -10.96 0.57
C5 CIT D . -3.98 -11.25 0.37
O3 CIT D . -4.73 -11.20 1.38
O4 CIT D . -4.49 -11.54 -0.76
C6 CIT D . -1.44 -10.50 -1.65
O5 CIT D . -1.93 -10.57 -2.77
O6 CIT D . -0.72 -9.52 -1.45
C1 CIT E . 18.52 16.02 -17.70
O1 CIT E . 17.85 15.12 -18.28
O2 CIT E . 18.03 17.19 -17.60
C2 CIT E . 19.89 15.67 -17.17
C3 CIT E . 19.76 14.87 -15.89
O7 CIT E . 20.44 15.59 -14.84
C4 CIT E . 20.40 13.46 -15.85
C5 CIT E . 20.08 12.65 -17.08
O3 CIT E . 19.20 13.06 -17.87
O4 CIT E . 20.68 11.58 -17.33
C6 CIT E . 18.24 14.87 -15.65
O5 CIT E . 17.41 14.18 -16.27
O6 CIT E . 17.81 15.63 -14.79
C1 CIT F . 6.51 -1.69 8.14
O1 CIT F . 6.45 -1.78 6.92
O2 CIT F . 7.02 -0.67 8.63
C2 CIT F . 6.01 -2.85 8.98
C3 CIT F . 7.34 -3.46 9.29
O7 CIT F . 7.79 -2.74 10.45
C4 CIT F . 8.18 -3.22 8.06
C5 CIT F . 9.56 -2.79 8.47
O3 CIT F . 10.43 -2.55 7.59
O4 CIT F . 9.83 -2.68 9.68
C6 CIT F . 7.40 -4.96 9.50
O5 CIT F . 6.48 -5.64 10.03
O6 CIT F . 8.45 -5.52 9.12
#